data_2A64
#
_entry.id   2A64
#
_cell.length_a   147.150
_cell.length_b   159.420
_cell.length_c   410.210
_cell.angle_alpha   90.00
_cell.angle_beta   90.00
_cell.angle_gamma   90.00
#
_symmetry.space_group_name_H-M   'F 2 2 2'
#
_entity_poly.entity_id   1
_entity_poly.type   'polyribonucleotide'
_entity_poly.pdbx_seq_one_letter_code
;GUUAAUCAUGCUCGGGUAAUCGCUGCGGCCGGUUUCGGCCGUAGAGGAAAGUCCAUGCUCGCACGGUGCUGAGAUGCCCG
UAGUGUUCGUGCCUAGCGAAUCCAUAAGCUAGGGCAGCCUGGCUUCGGCUGGGCUGACGGCGGGGAAAGAACCUACGUCC
GGCUGGGAUAUGGUUCGAUUACCCUGAAAGUGCCACAGUGACGGAGCUCUAAGGGAAACCUUAGAGGUGGAACGCGGUAA
ACCCCACGAGCGAGAAACCCAAAUGAUGGUAGGGGCACCUUCCCGAAGGAAAUGAACGGAGGGAAGGACAGGCGGCGCAU
GCAGCCUGUAGAUAGAUGAUUACCGCCGGAGUACGAGGCGCAAAGCCGCUUGCAGUACGAAGGUACAGAACAUGGCUUAU
AGAGCAUGAUUAACGUC
;
_entity_poly.pdbx_strand_id   A
#